data_3W13
#
_entry.id   3W13
#
_cell.length_a   169.228
_cell.length_b   169.228
_cell.length_c   169.228
_cell.angle_alpha   90.00
_cell.angle_beta   90.00
_cell.angle_gamma   90.00
#
_symmetry.space_group_name_H-M   'P 2 3'
#
loop_
_entity.id
_entity.type
_entity.pdbx_description
1 polymer 'Insulin receptor domains L1-CR'
2 polymer 'monoclonal antibody fab 83-7 fragment - heavy chain'
3 polymer 'monoclonal antibody fab 83-7 fragment - light chain'
4 polymer 'Insulin A chain'
5 polymer 'Insulin B chain'
6 polymer 'Insulin receptor alphact peptide'
7 branched alpha-D-mannopyranose-(1-3)-beta-D-mannopyranose-(1-4)-2-acetamido-2-deoxy-beta-D-glucopyranose-(1-4)-2-acetamido-2-deoxy-beta-D-glucopyranose
8 branched beta-D-mannopyranose-(1-4)-2-acetamido-2-deoxy-beta-D-glucopyranose-(1-4)-2-acetamido-2-deoxy-beta-D-glucopyranose
9 non-polymer 2-acetamido-2-deoxy-beta-D-glucopyranose
#
loop_
_entity_poly.entity_id
_entity_poly.type
_entity_poly.pdbx_seq_one_letter_code
_entity_poly.pdbx_strand_id
1 'polypeptide(L)'
;HLYPGEVCPGMDIRNNLTRLHELENCSVIEGHLQILLMFKTRPEDFRDLSFPKLIMITDYLLLFRVYGLESLKDLFPNLT
VIRGSRLFFNYALVIFEMVHLKELGLYNLMNITRGSVRIEKNNELCYLATIDWSRILDSVEDNHIVLNKDDNEECGDICP
GTAKGKTNCPATVINGQFVERCWTHSHCQKVCPTICKSHGCTAEGLCCHSECLGNCSQPDDPTKCVACRNFYLDGRCVET
CPPPYYHFQDWRCVNFSFCQDLHHKCKNSRRQGCHQYVIHNNKCIPECPSGYTMNSSNLLCTPCLGPCPK
;
E
2 'polypeptide(L)'
;QVQLKESGPGLVAPSQSLSITCTVSGFPLTAYGVNWVRQPPGKGLEWLGMIWGDGNTDYNSALKSRLSISKDNSKSQVFL
KMNSLQTDDTARYYCARDPYGSKPMDYWGQGTSVTV
;
C
3 'polypeptide(L)'
;DIVMSQSPSSLVVSVGEKVTMSCKSSQSLLYSSNQKNFLAWYQQKPGQSPKLLIYWASTRESGVPDRFTGSGSGTDFTLT
ISSVKAEDLAVYYCQQYFRYRTFGGGTKLEIKRA
;
D
4 'polypeptide(L)' GIVEQCCTSICSLYQLENYCN A
5 'polypeptide(L)' FVNQHLCGSHLVEALYLVCGERGFF(PR9) B
6 'polypeptide(L)' EESSFRKTFEDYLHNVVFVPRPS F
#
loop_
_chem_comp.id
_chem_comp.type
_chem_comp.name
_chem_comp.formula
BMA D-saccharide, beta linking beta-D-mannopyranose 'C6 H12 O6'
MAN D-saccharide, alpha linking alpha-D-mannopyranose 'C6 H12 O6'
NAG D-saccharide, beta linking 2-acetamido-2-deoxy-beta-D-glucopyranose 'C8 H15 N O6'
#
# COMPACT_ATOMS: atom_id res chain seq x y z
N GLY A 5 10.93 8.45 1.20
CA GLY A 5 11.50 9.75 1.69
C GLY A 5 11.77 9.79 3.19
N GLU A 6 10.91 10.49 3.92
CA GLU A 6 10.88 10.37 5.38
C GLU A 6 9.45 10.18 5.90
N VAL A 7 9.33 9.37 6.93
CA VAL A 7 8.07 9.21 7.62
C VAL A 7 8.24 9.78 9.03
N CYS A 8 7.49 10.85 9.33
CA CYS A 8 7.48 11.48 10.65
C CYS A 8 6.09 11.37 11.30
N PRO A 9 6.00 11.74 12.59
CA PRO A 9 4.78 11.49 13.35
C PRO A 9 3.72 12.55 13.11
N GLY A 10 2.50 12.29 13.59
CA GLY A 10 1.43 13.29 13.53
C GLY A 10 1.83 14.50 14.33
N MET A 11 1.80 15.70 13.73
CA MET A 11 2.24 16.90 14.45
C MET A 11 1.17 17.96 14.62
N ASP A 12 1.44 18.84 15.57
CA ASP A 12 0.44 19.80 16.00
C ASP A 12 1.18 21.13 16.19
N ILE A 13 1.04 22.04 15.22
CA ILE A 13 1.88 23.24 15.16
C ILE A 13 1.14 24.55 15.46
N ARG A 14 1.59 25.22 16.52
CA ARG A 14 0.89 26.36 17.16
C ARG A 14 1.82 27.53 17.54
N ASN A 15 1.24 28.73 17.49
CA ASN A 15 1.84 29.98 17.99
C ASN A 15 2.99 30.57 17.16
N ASN A 16 4.22 30.09 17.39
CA ASN A 16 5.41 30.48 16.60
C ASN A 16 5.45 29.59 15.35
N LEU A 17 5.71 30.18 14.18
CA LEU A 17 5.89 29.41 12.94
C LEU A 17 7.12 28.50 12.96
N THR A 18 8.04 28.81 13.87
CA THR A 18 9.37 28.18 13.90
C THR A 18 9.31 26.65 14.10
N ARG A 19 8.32 26.20 14.87
CA ARG A 19 8.00 24.78 15.00
C ARG A 19 7.82 24.04 13.65
N LEU A 20 7.49 24.79 12.59
CA LEU A 20 7.16 24.23 11.28
C LEU A 20 8.33 23.53 10.58
N HIS A 21 9.54 23.86 10.99
CA HIS A 21 10.73 23.35 10.32
C HIS A 21 11.05 21.88 10.65
N GLU A 22 10.28 21.31 11.57
CA GLU A 22 10.37 19.88 11.94
C GLU A 22 10.03 18.96 10.77
N LEU A 23 9.31 19.52 9.82
CA LEU A 23 8.76 18.76 8.72
C LEU A 23 9.67 18.77 7.49
N GLU A 24 10.79 19.48 7.55
CA GLU A 24 11.53 19.85 6.34
C GLU A 24 11.88 18.70 5.37
N ASN A 25 12.25 17.54 5.92
CA ASN A 25 12.69 16.42 5.10
C ASN A 25 11.61 15.35 4.93
N CYS A 26 10.48 15.56 5.60
CA CYS A 26 9.34 14.64 5.63
C CYS A 26 8.58 14.42 4.29
N SER A 27 8.19 13.17 4.04
CA SER A 27 7.45 12.79 2.82
C SER A 27 6.07 12.29 3.15
N VAL A 28 5.98 11.56 4.26
CA VAL A 28 4.71 11.12 4.77
C VAL A 28 4.66 11.45 6.24
N ILE A 29 3.57 12.10 6.62
CA ILE A 29 3.24 12.28 8.02
C ILE A 29 2.29 11.19 8.48
N GLU A 30 2.81 10.31 9.33
CA GLU A 30 2.07 9.15 9.83
C GLU A 30 1.23 9.62 10.98
N GLY A 31 -0.05 9.84 10.69
CA GLY A 31 -0.93 10.54 11.61
C GLY A 31 -1.48 11.80 10.97
N HIS A 32 -1.80 12.79 11.80
CA HIS A 32 -2.43 13.99 11.31
C HIS A 32 -1.47 15.17 11.33
N LEU A 33 -1.83 16.22 10.59
CA LEU A 33 -1.12 17.46 10.74
C LEU A 33 -2.10 18.56 11.04
N GLN A 34 -1.80 19.30 12.10
CA GLN A 34 -2.65 20.39 12.55
C GLN A 34 -1.84 21.68 12.71
N ILE A 35 -2.14 22.66 11.89
CA ILE A 35 -1.48 23.94 12.03
C ILE A 35 -2.53 24.98 12.37
N LEU A 36 -2.34 25.65 13.51
CA LEU A 36 -3.40 26.49 14.09
C LEU A 36 -2.90 27.62 14.97
N LEU A 37 -3.82 28.53 15.25
CA LEU A 37 -3.60 29.59 16.21
C LEU A 37 -2.26 30.31 16.02
N MET A 38 -2.13 31.04 14.93
CA MET A 38 -0.97 31.91 14.76
C MET A 38 -1.45 33.29 14.40
N PHE A 39 -1.42 34.20 15.36
CA PHE A 39 -2.08 35.51 15.22
C PHE A 39 -1.15 36.67 14.85
N LYS A 40 0.16 36.47 14.98
CA LYS A 40 1.12 37.55 14.71
C LYS A 40 1.75 37.41 13.32
N THR A 41 1.36 36.37 12.61
CA THR A 41 2.00 36.09 11.34
C THR A 41 1.51 36.95 10.21
N ARG A 42 2.39 37.11 9.23
CA ARG A 42 2.23 38.08 8.16
C ARG A 42 2.53 37.40 6.85
N PRO A 43 1.86 37.85 5.77
CA PRO A 43 2.02 37.30 4.44
C PRO A 43 3.46 36.94 4.08
N GLU A 44 4.41 37.78 4.50
CA GLU A 44 5.78 37.70 4.04
C GLU A 44 6.56 36.55 4.67
N ASP A 45 6.03 36.00 5.75
CA ASP A 45 6.63 34.82 6.37
C ASP A 45 6.35 33.56 5.54
N PHE A 46 5.42 33.71 4.59
CA PHE A 46 4.95 32.61 3.77
C PHE A 46 5.36 32.68 2.30
N ARG A 47 5.75 33.86 1.84
CA ARG A 47 6.07 34.04 0.42
C ARG A 47 7.42 33.42 0.01
N ASP A 48 8.16 32.94 1.01
CA ASP A 48 9.45 32.26 0.82
C ASP A 48 9.48 30.85 1.44
N LEU A 49 8.31 30.34 1.82
CA LEU A 49 8.22 29.11 2.61
C LEU A 49 7.50 27.99 1.86
N SER A 50 8.01 26.76 2.01
CA SER A 50 7.52 25.63 1.23
C SER A 50 7.83 24.25 1.84
N PHE A 51 6.99 23.27 1.49
CA PHE A 51 7.24 21.83 1.74
C PHE A 51 6.92 20.97 0.51
N PRO A 52 7.84 20.93 -0.47
CA PRO A 52 7.62 20.20 -1.72
C PRO A 52 7.80 18.69 -1.53
N LYS A 53 8.31 18.30 -0.37
CA LYS A 53 8.63 16.90 -0.09
C LYS A 53 7.45 16.15 0.51
N LEU A 54 6.50 16.86 1.11
CA LEU A 54 5.29 16.23 1.64
C LEU A 54 4.37 15.77 0.54
N ILE A 55 4.14 14.47 0.52
CA ILE A 55 3.38 13.82 -0.49
C ILE A 55 2.13 13.25 0.11
N MET A 56 2.20 12.78 1.35
CA MET A 56 1.05 12.12 1.96
C MET A 56 0.81 12.31 3.47
N ILE A 57 -0.47 12.42 3.83
CA ILE A 57 -0.94 12.43 5.22
C ILE A 57 -1.86 11.23 5.46
N THR A 58 -1.54 10.46 6.49
CA THR A 58 -2.26 9.25 6.80
C THR A 58 -3.66 9.50 7.38
N ASP A 59 -3.76 10.45 8.32
CA ASP A 59 -5.03 10.73 9.01
C ASP A 59 -5.74 11.91 8.41
N TYR A 60 -5.58 13.10 8.99
CA TYR A 60 -6.25 14.30 8.46
C TYR A 60 -5.37 15.54 8.41
N LEU A 61 -5.83 16.56 7.71
CA LEU A 61 -5.18 17.88 7.68
C LEU A 61 -6.10 19.04 8.08
N LEU A 62 -5.59 19.86 8.96
CA LEU A 62 -6.39 20.83 9.63
C LEU A 62 -5.66 22.16 9.78
N LEU A 63 -6.22 23.18 9.13
CA LEU A 63 -5.71 24.54 9.24
C LEU A 63 -6.76 25.44 9.85
N PHE A 64 -6.35 26.19 10.85
CA PHE A 64 -7.31 26.95 11.63
C PHE A 64 -6.72 28.19 12.27
N ARG A 65 -7.21 29.34 11.81
CA ARG A 65 -6.76 30.62 12.28
C ARG A 65 -5.23 30.77 12.17
N VAL A 66 -4.74 30.57 10.94
CA VAL A 66 -3.38 30.91 10.57
C VAL A 66 -3.42 32.18 9.70
N TYR A 67 -2.99 33.30 10.26
CA TYR A 67 -3.09 34.60 9.61
C TYR A 67 -1.89 34.89 8.70
N GLY A 68 -2.14 35.72 7.69
CA GLY A 68 -1.12 36.04 6.70
C GLY A 68 -1.05 35.00 5.59
N LEU A 69 -1.75 33.89 5.76
CA LEU A 69 -1.68 32.81 4.79
C LEU A 69 -2.78 32.96 3.76
N GLU A 70 -2.37 33.04 2.50
CA GLU A 70 -3.22 33.48 1.39
C GLU A 70 -3.47 32.41 0.33
N SER A 71 -2.48 31.55 0.11
CA SER A 71 -2.65 30.33 -0.68
C SER A 71 -1.78 29.22 -0.12
N LEU A 72 -2.16 27.97 -0.41
CA LEU A 72 -1.36 26.82 0.03
C LEU A 72 -0.48 26.29 -1.07
N LYS A 73 -0.58 26.92 -2.23
CA LYS A 73 0.14 26.49 -3.41
C LYS A 73 1.67 26.41 -3.25
N ASP A 74 2.23 27.22 -2.34
CA ASP A 74 3.67 27.19 -2.10
C ASP A 74 4.00 26.41 -0.85
N LEU A 75 3.04 26.35 0.07
CA LEU A 75 3.25 25.63 1.28
C LEU A 75 3.25 24.09 1.12
N PHE A 76 2.19 23.54 0.53
CA PHE A 76 2.12 22.09 0.27
C PHE A 76 1.81 21.77 -1.17
N PRO A 77 2.72 22.13 -2.08
CA PRO A 77 2.42 21.99 -3.50
C PRO A 77 2.27 20.53 -3.95
N ASN A 78 3.01 19.62 -3.29
CA ASN A 78 3.09 18.24 -3.75
C ASN A 78 2.36 17.21 -2.87
N LEU A 79 1.60 17.67 -1.89
CA LEU A 79 0.70 16.80 -1.15
C LEU A 79 -0.38 16.23 -2.11
N THR A 80 -0.47 14.90 -2.16
CA THR A 80 -1.29 14.21 -3.17
C THR A 80 -2.39 13.33 -2.61
N VAL A 81 -2.13 12.69 -1.48
CA VAL A 81 -3.16 11.89 -0.84
C VAL A 81 -3.31 12.26 0.61
N ILE A 82 -4.56 12.23 1.04
CA ILE A 82 -4.91 12.21 2.43
C ILE A 82 -5.71 10.91 2.58
N ARG A 83 -5.30 10.05 3.51
CA ARG A 83 -5.89 8.71 3.60
C ARG A 83 -7.10 8.61 4.54
N GLY A 84 -7.15 9.50 5.53
CA GLY A 84 -8.29 9.56 6.44
C GLY A 84 -8.52 8.29 7.23
N SER A 85 -7.45 7.64 7.68
CA SER A 85 -7.53 6.46 8.57
C SER A 85 -8.19 6.84 9.91
N ARG A 86 -7.85 8.02 10.43
CA ARG A 86 -8.54 8.66 11.55
C ARG A 86 -9.01 10.00 11.06
N LEU A 87 -10.21 10.40 11.49
CA LEU A 87 -10.83 11.65 11.02
C LEU A 87 -11.11 12.62 12.13
N PHE A 88 -11.11 13.90 11.77
CA PHE A 88 -11.46 14.97 12.69
C PHE A 88 -12.95 15.29 12.56
N PHE A 89 -13.72 14.94 13.60
CA PHE A 89 -15.18 14.74 13.48
C PHE A 89 -15.39 13.67 12.41
N ASN A 90 -15.83 14.06 11.21
CA ASN A 90 -15.90 13.12 10.10
C ASN A 90 -15.08 13.63 8.94
N TYR A 91 -14.18 14.56 9.23
CA TYR A 91 -13.48 15.22 8.14
C TYR A 91 -12.04 14.79 8.03
N ALA A 92 -11.55 14.80 6.79
CA ALA A 92 -10.15 14.49 6.47
C ALA A 92 -9.41 15.76 6.08
N LEU A 93 -10.18 16.80 5.78
CA LEU A 93 -9.59 18.10 5.56
C LEU A 93 -10.45 19.17 6.22
N VAL A 94 -9.84 19.95 7.11
CA VAL A 94 -10.58 21.03 7.74
C VAL A 94 -9.89 22.36 7.53
N ILE A 95 -10.55 23.23 6.77
CA ILE A 95 -10.11 24.61 6.58
C ILE A 95 -11.09 25.57 7.24
N PHE A 96 -10.68 26.14 8.37
CA PHE A 96 -11.64 26.80 9.25
C PHE A 96 -11.16 28.10 9.84
N GLU A 97 -12.03 29.11 9.77
CA GLU A 97 -11.72 30.49 10.12
C GLU A 97 -10.31 30.82 9.69
N MET A 98 -10.04 30.50 8.43
CA MET A 98 -8.77 30.81 7.77
C MET A 98 -8.89 32.15 7.10
N VAL A 99 -8.92 33.18 7.92
CA VAL A 99 -9.00 34.50 7.40
C VAL A 99 -7.68 34.76 6.69
N HIS A 100 -7.81 35.35 5.51
CA HIS A 100 -6.70 35.72 4.61
C HIS A 100 -6.53 34.77 3.43
N LEU A 101 -7.04 33.54 3.57
CA LEU A 101 -6.92 32.57 2.51
C LEU A 101 -7.84 32.92 1.35
N LYS A 102 -7.23 32.96 0.16
CA LYS A 102 -7.89 33.42 -1.07
C LYS A 102 -8.26 32.29 -2.01
N GLU A 103 -7.37 31.30 -2.07
CA GLU A 103 -7.41 30.22 -3.03
C GLU A 103 -6.79 29.03 -2.34
N LEU A 104 -7.17 27.83 -2.75
CA LEU A 104 -6.66 26.65 -2.07
C LEU A 104 -5.26 26.23 -2.54
N GLY A 105 -5.17 25.86 -3.80
CA GLY A 105 -3.88 25.63 -4.42
C GLY A 105 -3.22 24.31 -4.09
N LEU A 106 -4.01 23.32 -3.69
CA LEU A 106 -3.47 21.97 -3.51
C LEU A 106 -3.59 21.22 -4.83
N TYR A 107 -2.90 21.73 -5.85
CA TYR A 107 -3.13 21.28 -7.21
C TYR A 107 -2.71 19.83 -7.46
N ASN A 108 -2.06 19.28 -6.44
CA ASN A 108 -1.59 17.90 -6.50
C ASN A 108 -2.44 16.93 -5.71
N LEU A 109 -3.42 17.42 -4.95
CA LEU A 109 -4.35 16.57 -4.21
C LEU A 109 -5.36 15.83 -5.11
N MET A 110 -5.20 14.51 -5.18
CA MET A 110 -5.92 13.70 -6.16
C MET A 110 -6.99 12.82 -5.56
N ASN A 111 -6.80 12.46 -4.29
CA ASN A 111 -7.67 11.54 -3.58
C ASN A 111 -7.61 11.72 -2.05
N ILE A 112 -8.80 11.89 -1.47
CA ILE A 112 -9.02 11.77 -0.04
C ILE A 112 -9.86 10.52 0.22
N THR A 113 -9.12 9.46 0.50
CA THR A 113 -9.66 8.19 0.93
C THR A 113 -10.44 8.40 2.22
N ARG A 114 -11.55 7.68 2.35
CA ARG A 114 -12.43 7.80 3.52
C ARG A 114 -13.07 9.20 3.75
N GLY A 115 -12.46 10.04 4.61
CA GLY A 115 -13.09 11.28 5.11
C GLY A 115 -13.85 12.21 4.16
N SER A 116 -14.33 13.34 4.71
CA SER A 116 -15.03 14.43 3.97
C SER A 116 -14.34 15.81 4.16
N VAL A 117 -14.72 16.81 3.38
CA VAL A 117 -14.07 18.12 3.51
C VAL A 117 -15.01 19.12 4.21
N ARG A 118 -14.49 19.81 5.23
CA ARG A 118 -15.20 20.93 5.87
C ARG A 118 -14.39 22.22 5.80
N ILE A 119 -14.83 23.12 4.92
CA ILE A 119 -14.17 24.39 4.71
C ILE A 119 -15.19 25.47 4.98
N GLU A 120 -15.03 26.13 6.13
CA GLU A 120 -16.06 27.02 6.68
C GLU A 120 -15.50 28.31 7.24
N LYS A 121 -16.30 29.37 7.14
CA LYS A 121 -16.00 30.69 7.74
C LYS A 121 -14.68 31.27 7.26
N ASN A 122 -14.44 31.13 5.96
CA ASN A 122 -13.26 31.67 5.34
C ASN A 122 -13.67 32.74 4.37
N ASN A 123 -13.99 33.90 4.93
CA ASN A 123 -14.07 35.12 4.15
C ASN A 123 -12.70 35.29 3.51
N GLU A 124 -12.72 35.86 2.30
CA GLU A 124 -11.54 35.93 1.42
C GLU A 124 -11.46 34.72 0.46
N LEU A 125 -11.95 33.55 0.88
CA LEU A 125 -11.74 32.32 0.12
C LEU A 125 -12.64 32.09 -1.10
N CYS A 126 -12.01 32.06 -2.29
CA CYS A 126 -12.66 31.60 -3.54
C CYS A 126 -11.94 30.38 -4.12
N TYR A 127 -12.16 30.13 -5.43
CA TYR A 127 -11.64 28.95 -6.14
C TYR A 127 -12.05 27.67 -5.39
N LEU A 128 -13.33 27.64 -5.00
CA LEU A 128 -13.92 26.52 -4.28
C LEU A 128 -14.91 25.82 -5.15
N ALA A 129 -15.76 26.59 -5.81
CA ALA A 129 -16.71 26.02 -6.76
C ALA A 129 -16.03 25.64 -8.07
N THR A 130 -14.73 25.97 -8.21
CA THR A 130 -13.92 25.54 -9.38
C THR A 130 -13.20 24.19 -9.16
N ILE A 131 -13.53 23.53 -8.05
CA ILE A 131 -12.97 22.22 -7.73
C ILE A 131 -14.06 21.14 -7.84
N ASP A 132 -13.78 20.08 -8.60
CA ASP A 132 -14.68 18.95 -8.56
C ASP A 132 -14.22 17.99 -7.50
N TRP A 133 -14.91 18.06 -6.38
CA TRP A 133 -14.58 17.28 -5.22
C TRP A 133 -14.86 15.80 -5.40
N SER A 134 -15.83 15.48 -6.25
CA SER A 134 -16.20 14.09 -6.48
C SER A 134 -15.10 13.30 -7.18
N ARG A 135 -14.08 14.02 -7.67
CA ARG A 135 -12.89 13.42 -8.26
C ARG A 135 -11.82 13.22 -7.21
N ILE A 136 -12.12 13.64 -5.99
CA ILE A 136 -11.19 13.55 -4.89
C ILE A 136 -11.79 12.74 -3.74
N LEU A 137 -13.04 12.98 -3.40
CA LEU A 137 -13.61 12.25 -2.27
C LEU A 137 -14.62 11.25 -2.65
N ASP A 138 -14.56 10.16 -1.92
CA ASP A 138 -15.56 9.13 -2.03
C ASP A 138 -16.93 9.70 -1.73
N SER A 139 -17.11 10.23 -0.52
CA SER A 139 -18.41 10.79 -0.15
C SER A 139 -18.40 12.32 -0.05
N VAL A 140 -19.09 12.96 -0.98
CA VAL A 140 -19.15 14.42 -1.02
C VAL A 140 -20.47 14.89 -0.44
N GLU A 141 -21.37 13.94 -0.23
CA GLU A 141 -22.68 14.22 0.34
C GLU A 141 -22.51 14.85 1.71
N ASP A 142 -21.45 14.44 2.40
CA ASP A 142 -21.16 14.91 3.74
C ASP A 142 -20.17 16.08 3.74
N ASN A 143 -19.87 16.61 2.55
CA ASN A 143 -19.06 17.84 2.45
C ASN A 143 -19.78 19.06 3.00
N HIS A 144 -19.01 19.95 3.62
CA HIS A 144 -19.56 21.04 4.40
C HIS A 144 -18.78 22.34 4.18
N ILE A 145 -19.02 22.93 3.02
CA ILE A 145 -18.29 24.09 2.57
C ILE A 145 -19.24 25.27 2.55
N VAL A 146 -19.29 26.00 3.65
CA VAL A 146 -20.20 27.13 3.76
C VAL A 146 -19.49 28.37 4.23
N LEU A 147 -20.16 29.51 4.04
CA LEU A 147 -19.75 30.77 4.62
C LEU A 147 -18.33 31.15 4.20
N ASN A 148 -18.06 31.02 2.92
CA ASN A 148 -16.82 31.52 2.36
C ASN A 148 -17.20 32.64 1.41
N LYS A 149 -16.21 33.37 0.92
CA LYS A 149 -16.48 34.44 -0.04
C LYS A 149 -17.21 33.90 -1.29
N ASP A 150 -16.93 32.64 -1.63
CA ASP A 150 -17.58 31.91 -2.73
C ASP A 150 -19.12 31.90 -2.69
N ASP A 151 -19.67 31.96 -1.48
CA ASP A 151 -21.13 31.92 -1.26
C ASP A 151 -21.83 33.25 -1.52
N ASN A 152 -21.05 34.27 -1.92
CA ASN A 152 -21.60 35.58 -2.27
C ASN A 152 -21.91 35.73 -3.76
N GLU A 153 -21.90 34.59 -4.47
CA GLU A 153 -22.03 34.54 -5.94
C GLU A 153 -21.08 35.52 -6.66
N GLU A 154 -20.17 36.13 -5.89
CA GLU A 154 -19.34 37.22 -6.39
C GLU A 154 -17.84 36.93 -6.33
N CYS A 155 -17.41 35.91 -7.07
CA CYS A 155 -16.01 35.46 -7.04
C CYS A 155 -15.30 35.68 -8.37
N GLY A 156 -14.13 36.34 -8.30
CA GLY A 156 -13.26 36.49 -9.45
C GLY A 156 -12.43 35.25 -9.78
N ASP A 157 -13.12 34.17 -10.13
CA ASP A 157 -12.47 32.89 -10.43
C ASP A 157 -12.08 32.77 -11.91
N ILE A 158 -10.78 32.60 -12.19
CA ILE A 158 -10.22 32.50 -13.57
C ILE A 158 -9.13 31.42 -13.77
N CYS A 159 -9.20 30.64 -14.87
CA CYS A 159 -8.20 29.57 -15.17
C CYS A 159 -7.41 29.79 -16.47
N ASN A 168 -8.33 26.34 -20.70
CA ASN A 168 -7.52 25.13 -20.83
C ASN A 168 -8.19 23.94 -20.16
N CYS A 169 -8.58 24.17 -18.90
CA CYS A 169 -9.04 23.13 -17.97
C CYS A 169 -10.33 22.44 -18.40
N PRO A 170 -10.62 21.27 -17.81
CA PRO A 170 -11.81 20.48 -18.15
C PRO A 170 -13.04 20.81 -17.31
N ALA A 171 -14.21 20.34 -17.76
CA ALA A 171 -15.49 20.61 -17.09
C ALA A 171 -16.24 19.32 -16.70
N THR A 172 -16.85 19.30 -15.52
CA THR A 172 -17.71 18.20 -15.09
C THR A 172 -19.13 18.68 -14.87
N VAL A 173 -20.06 17.74 -14.89
CA VAL A 173 -21.46 18.05 -14.65
C VAL A 173 -21.77 17.81 -13.18
N ILE A 174 -21.70 18.89 -12.40
CA ILE A 174 -22.06 18.85 -10.98
C ILE A 174 -23.44 19.45 -10.76
N ASN A 175 -23.78 20.44 -11.56
CA ASN A 175 -25.11 21.05 -11.54
C ASN A 175 -25.99 20.56 -12.69
N GLY A 176 -26.45 21.49 -13.52
CA GLY A 176 -27.11 21.19 -14.80
C GLY A 176 -26.30 21.82 -15.92
N GLN A 177 -25.00 22.01 -15.65
CA GLN A 177 -24.04 22.60 -16.57
C GLN A 177 -22.63 22.15 -16.22
N PHE A 178 -21.80 22.04 -17.24
CA PHE A 178 -20.40 21.71 -17.07
C PHE A 178 -19.65 22.92 -16.52
N VAL A 179 -18.59 22.67 -15.77
CA VAL A 179 -17.86 23.75 -15.09
C VAL A 179 -16.34 23.52 -15.12
N GLU A 180 -15.62 24.48 -15.71
CA GLU A 180 -14.15 24.49 -15.75
C GLU A 180 -13.58 24.29 -14.35
N ARG A 181 -12.59 23.42 -14.22
CA ARG A 181 -12.08 23.03 -12.90
C ARG A 181 -10.57 23.33 -12.69
N CYS A 182 -10.28 24.22 -11.75
CA CYS A 182 -8.90 24.64 -11.47
C CYS A 182 -8.74 25.16 -10.05
N TRP A 183 -7.49 25.15 -9.57
CA TRP A 183 -7.15 25.52 -8.21
C TRP A 183 -6.75 26.97 -8.13
N THR A 184 -5.84 27.39 -9.03
CA THR A 184 -5.38 28.78 -9.15
C THR A 184 -5.41 29.24 -10.60
N HIS A 185 -5.14 30.54 -10.83
CA HIS A 185 -5.08 31.10 -12.18
C HIS A 185 -4.14 30.31 -13.09
N SER A 186 -3.11 29.74 -12.48
CA SER A 186 -2.04 29.04 -13.20
C SER A 186 -1.92 27.52 -13.00
N HIS A 187 -2.90 26.90 -12.31
CA HIS A 187 -2.93 25.44 -12.13
C HIS A 187 -4.33 24.86 -12.37
N CYS A 188 -4.44 23.92 -13.32
CA CYS A 188 -5.70 23.18 -13.55
C CYS A 188 -5.78 22.07 -12.53
N GLN A 189 -7.01 21.65 -12.20
CA GLN A 189 -7.20 20.37 -11.49
C GLN A 189 -6.97 19.28 -12.52
N LYS A 190 -6.12 18.33 -12.17
CA LYS A 190 -5.84 17.23 -13.07
C LYS A 190 -6.99 16.24 -13.03
N VAL A 191 -7.52 15.88 -14.20
CA VAL A 191 -8.54 14.83 -14.26
C VAL A 191 -8.04 13.68 -15.11
N CYS A 192 -7.98 12.51 -14.48
CA CYS A 192 -7.67 11.27 -15.17
C CYS A 192 -8.93 10.71 -15.81
N PRO A 193 -8.79 10.17 -17.05
CA PRO A 193 -9.91 9.55 -17.72
C PRO A 193 -10.69 8.67 -16.76
N THR A 194 -12.01 8.68 -16.93
CA THR A 194 -12.94 7.95 -16.07
C THR A 194 -12.47 6.55 -15.71
N ILE A 195 -11.99 5.81 -16.69
CA ILE A 195 -11.61 4.39 -16.53
C ILE A 195 -10.27 4.12 -15.83
N CYS A 196 -9.44 5.15 -15.61
CA CYS A 196 -8.24 5.03 -14.77
C CYS A 196 -8.56 4.83 -13.28
N LYS A 197 -9.80 5.17 -12.90
CA LYS A 197 -10.20 5.30 -11.49
C LYS A 197 -9.24 6.17 -10.66
N SER A 198 -8.89 5.67 -9.48
CA SER A 198 -8.14 6.40 -8.48
C SER A 198 -6.65 6.32 -8.70
N HIS A 199 -6.23 5.60 -9.74
CA HIS A 199 -4.84 5.19 -9.89
C HIS A 199 -3.90 6.23 -10.50
N GLY A 200 -4.46 7.28 -11.09
CA GLY A 200 -3.65 8.37 -11.61
C GLY A 200 -3.20 8.10 -13.03
N CYS A 201 -2.55 9.10 -13.62
CA CYS A 201 -2.19 9.04 -15.03
C CYS A 201 -1.14 10.09 -15.35
N THR A 202 -0.48 9.92 -16.50
CA THR A 202 0.50 10.89 -16.96
C THR A 202 -0.24 12.06 -17.58
N ALA A 203 0.52 13.11 -17.92
CA ALA A 203 -0.04 14.33 -18.48
C ALA A 203 -0.86 14.05 -19.73
N GLU A 204 -0.42 13.05 -20.50
CA GLU A 204 -1.07 12.66 -21.75
C GLU A 204 -2.35 11.86 -21.50
N GLY A 205 -2.37 11.13 -20.38
CA GLY A 205 -3.53 10.33 -19.97
C GLY A 205 -3.36 8.82 -20.06
N LEU A 206 -2.14 8.34 -19.84
CA LEU A 206 -1.89 6.91 -19.72
C LEU A 206 -2.05 6.59 -18.27
N CYS A 207 -2.89 5.61 -17.98
CA CYS A 207 -3.15 5.28 -16.59
C CYS A 207 -1.88 4.78 -15.92
N CYS A 208 -1.66 5.20 -14.68
CA CYS A 208 -0.57 4.71 -13.87
C CYS A 208 -0.88 3.28 -13.50
N HIS A 209 0.08 2.60 -12.89
CA HIS A 209 -0.18 1.24 -12.43
C HIS A 209 -1.29 1.15 -11.39
N SER A 210 -2.03 0.05 -11.43
CA SER A 210 -3.26 -0.15 -10.64
C SER A 210 -3.03 -0.26 -9.13
N GLU A 211 -1.78 -0.40 -8.68
CA GLU A 211 -1.50 -0.44 -7.23
C GLU A 211 -0.93 0.91 -6.74
N CYS A 212 -0.80 1.84 -7.68
CA CYS A 212 -0.48 3.23 -7.38
C CYS A 212 -1.74 3.96 -7.01
N LEU A 213 -1.59 5.07 -6.28
CA LEU A 213 -2.76 5.85 -5.89
C LEU A 213 -3.03 7.09 -6.75
N GLY A 214 -2.34 8.21 -6.51
CA GLY A 214 -2.71 9.47 -7.18
C GLY A 214 -1.99 9.87 -8.47
N ASN A 215 -0.75 9.43 -8.62
CA ASN A 215 0.14 9.94 -9.65
C ASN A 215 1.30 8.97 -9.77
N CYS A 216 1.99 9.03 -10.90
CA CYS A 216 3.25 8.28 -11.07
C CYS A 216 4.24 9.04 -11.94
N SER A 217 5.53 8.83 -11.65
CA SER A 217 6.62 9.42 -12.44
C SER A 217 6.80 8.66 -13.74
N GLN A 218 6.44 7.38 -13.71
CA GLN A 218 6.44 6.56 -14.91
C GLN A 218 5.18 5.69 -14.93
N PRO A 219 4.69 5.39 -16.12
CA PRO A 219 3.49 4.57 -16.14
C PRO A 219 3.82 3.11 -15.91
N ASP A 220 2.80 2.35 -15.53
CA ASP A 220 2.83 0.88 -15.61
C ASP A 220 3.91 0.33 -14.69
N ASP A 221 4.07 0.93 -13.52
CA ASP A 221 5.20 0.59 -12.65
C ASP A 221 4.90 0.77 -11.14
N PRO A 222 4.83 -0.35 -10.39
CA PRO A 222 4.49 -0.38 -8.96
C PRO A 222 5.57 0.16 -8.03
N THR A 223 6.69 0.59 -8.58
CA THR A 223 7.74 1.15 -7.77
C THR A 223 7.79 2.63 -8.03
N LYS A 224 7.07 3.04 -9.07
CA LYS A 224 7.10 4.41 -9.56
C LYS A 224 5.81 5.19 -9.25
N CYS A 225 5.05 4.67 -8.28
CA CYS A 225 3.88 5.38 -7.74
C CYS A 225 4.37 6.55 -6.93
N VAL A 226 3.54 7.59 -6.85
CA VAL A 226 3.87 8.70 -5.99
C VAL A 226 3.21 8.51 -4.61
N ALA A 227 2.18 7.66 -4.56
CA ALA A 227 1.56 7.26 -3.28
C ALA A 227 0.81 5.92 -3.31
N CYS A 228 1.31 4.94 -2.56
CA CYS A 228 0.72 3.60 -2.55
C CYS A 228 -0.77 3.65 -2.27
N ARG A 229 -1.53 2.83 -3.00
CA ARG A 229 -2.97 2.70 -2.82
C ARG A 229 -3.30 1.78 -1.67
N ASN A 230 -2.63 0.63 -1.62
CA ASN A 230 -2.83 -0.29 -0.53
C ASN A 230 -1.77 -0.14 0.54
N PHE A 231 -0.74 -0.97 0.48
CA PHE A 231 0.29 -0.87 1.48
C PHE A 231 1.64 -0.71 0.84
N TYR A 232 2.50 -0.03 1.58
CA TYR A 232 3.87 0.17 1.16
C TYR A 232 4.85 -0.73 1.93
N LEU A 233 5.77 -1.32 1.18
CA LEU A 233 6.82 -2.14 1.75
C LEU A 233 8.00 -2.18 0.77
N ASP A 234 9.21 -1.99 1.29
CA ASP A 234 10.45 -2.14 0.50
C ASP A 234 10.43 -1.45 -0.87
N GLY A 235 9.97 -0.19 -0.96
CA GLY A 235 9.99 0.52 -2.24
C GLY A 235 8.78 0.35 -3.16
N ARG A 236 8.06 -0.77 -2.99
CA ARG A 236 6.96 -1.18 -3.89
C ARG A 236 5.57 -1.01 -3.25
N CYS A 237 4.56 -0.75 -4.08
CA CYS A 237 3.17 -0.75 -3.66
C CYS A 237 2.64 -2.15 -3.79
N VAL A 238 2.03 -2.67 -2.74
CA VAL A 238 1.50 -4.03 -2.83
C VAL A 238 0.06 -4.10 -2.39
N GLU A 239 -0.58 -5.22 -2.73
CA GLU A 239 -1.98 -5.47 -2.39
C GLU A 239 -2.13 -5.76 -0.93
N THR A 240 -1.23 -6.58 -0.40
CA THR A 240 -1.27 -6.91 1.03
C THR A 240 0.11 -7.28 1.57
N CYS A 241 0.28 -7.08 2.89
CA CYS A 241 1.50 -7.45 3.61
C CYS A 241 1.57 -8.96 3.74
N PRO A 242 2.65 -9.56 3.22
CA PRO A 242 2.77 -10.99 3.37
C PRO A 242 3.39 -11.31 4.72
N PRO A 243 3.05 -12.48 5.28
CA PRO A 243 3.82 -12.84 6.46
C PRO A 243 5.27 -13.00 6.02
N PRO A 244 6.25 -12.64 6.87
CA PRO A 244 6.15 -12.32 8.28
C PRO A 244 5.96 -10.85 8.59
N TYR A 245 5.39 -10.10 7.64
CA TYR A 245 5.17 -8.67 7.82
C TYR A 245 3.74 -8.35 8.28
N TYR A 246 3.55 -7.23 8.98
CA TYR A 246 2.25 -6.90 9.56
C TYR A 246 1.73 -5.57 9.08
N HIS A 247 0.41 -5.48 8.98
CA HIS A 247 -0.27 -4.25 8.55
C HIS A 247 -0.17 -3.19 9.61
N PHE A 248 0.44 -2.07 9.26
CA PHE A 248 0.63 -1.00 10.21
C PHE A 248 0.04 0.32 9.76
N GLN A 249 -0.70 0.94 10.69
CA GLN A 249 -1.21 2.30 10.53
C GLN A 249 -2.06 2.35 9.27
N ASP A 250 -2.43 1.15 8.84
CA ASP A 250 -3.13 0.91 7.60
C ASP A 250 -2.61 1.71 6.44
N TRP A 251 -1.31 1.59 6.24
CA TRP A 251 -0.75 2.02 4.99
C TRP A 251 0.60 1.39 4.68
N ARG A 252 1.30 0.90 5.71
CA ARG A 252 2.59 0.26 5.47
C ARG A 252 2.84 -1.04 6.21
N CYS A 253 3.74 -1.85 5.64
CA CYS A 253 4.11 -3.14 6.22
C CYS A 253 5.38 -3.06 7.05
N VAL A 254 5.39 -3.75 8.18
CA VAL A 254 6.57 -3.84 9.03
C VAL A 254 6.70 -5.24 9.57
N ASN A 255 7.90 -5.57 10.05
CA ASN A 255 8.15 -6.85 10.73
C ASN A 255 7.79 -6.84 12.21
N PHE A 256 7.77 -8.04 12.79
CA PHE A 256 7.49 -8.18 14.21
C PHE A 256 8.36 -7.24 15.05
N SER A 257 9.66 -7.20 14.73
CA SER A 257 10.66 -6.47 15.52
C SER A 257 10.30 -5.00 15.69
N PHE A 258 9.97 -4.33 14.59
CA PHE A 258 9.56 -2.93 14.61
C PHE A 258 8.41 -2.74 15.57
N CYS A 259 7.37 -3.55 15.39
CA CYS A 259 6.14 -3.50 16.19
C CYS A 259 6.42 -3.65 17.70
N GLN A 260 7.27 -4.61 18.02
CA GLN A 260 7.69 -4.90 19.40
C GLN A 260 8.38 -3.71 20.07
N ASP A 261 9.36 -3.15 19.36
CA ASP A 261 10.22 -2.08 19.86
C ASP A 261 9.38 -0.87 20.28
N LEU A 262 8.38 -0.55 19.46
CA LEU A 262 7.47 0.53 19.77
C LEU A 262 6.62 0.26 21.01
N HIS A 263 6.11 -0.97 21.13
CA HIS A 263 5.31 -1.37 22.29
C HIS A 263 6.01 -1.10 23.63
N HIS A 264 7.27 -1.51 23.74
CA HIS A 264 8.03 -1.34 24.99
C HIS A 264 8.39 0.14 25.22
N LYS A 265 7.51 0.85 25.92
CA LYS A 265 7.72 2.25 26.35
C LYS A 265 7.80 3.24 25.17
N GLN A 276 0.23 1.59 22.98
CA GLN A 276 0.85 0.41 23.60
C GLN A 276 0.70 -0.89 22.74
N TYR A 277 1.37 -0.90 21.58
CA TYR A 277 1.13 -1.83 20.44
C TYR A 277 1.00 -3.33 20.66
N VAL A 278 0.04 -3.91 19.95
CA VAL A 278 -0.30 -5.33 20.05
C VAL A 278 -0.58 -5.91 18.66
N ILE A 279 -0.58 -7.24 18.54
CA ILE A 279 -0.85 -7.87 17.24
C ILE A 279 -2.16 -8.66 17.24
N HIS A 280 -2.94 -8.52 16.16
CA HIS A 280 -4.18 -9.26 15.96
C HIS A 280 -4.63 -9.17 14.49
N ASN A 281 -5.02 -10.31 13.93
CA ASN A 281 -5.55 -10.34 12.55
C ASN A 281 -4.46 -10.03 11.52
N ASN A 282 -3.20 -10.23 11.91
CA ASN A 282 -2.00 -9.82 11.15
C ASN A 282 -1.85 -8.29 10.96
N LYS A 283 -2.35 -7.57 11.96
CA LYS A 283 -2.21 -6.13 12.07
C LYS A 283 -1.46 -5.75 13.37
N CYS A 284 -0.63 -4.71 13.29
CA CYS A 284 0.05 -4.14 14.43
C CYS A 284 -0.75 -2.89 14.83
N ILE A 285 -1.33 -2.89 16.05
CA ILE A 285 -2.29 -1.84 16.51
C ILE A 285 -2.07 -1.41 17.98
N PRO A 286 -2.54 -0.20 18.39
CA PRO A 286 -2.37 0.15 19.80
C PRO A 286 -3.13 -0.76 20.76
N GLU A 287 -4.36 -1.14 20.40
CA GLU A 287 -5.22 -1.86 21.34
C GLU A 287 -5.85 -3.16 20.83
N CYS A 288 -5.87 -4.16 21.72
CA CYS A 288 -6.64 -5.37 21.51
C CYS A 288 -8.11 -4.98 21.42
N PRO A 289 -8.85 -5.54 20.44
CA PRO A 289 -10.28 -5.28 20.42
C PRO A 289 -11.02 -6.10 21.47
N SER A 290 -12.24 -5.70 21.76
CA SER A 290 -13.10 -6.35 22.74
C SER A 290 -13.23 -7.85 22.50
N GLY A 291 -13.19 -8.61 23.59
CA GLY A 291 -13.26 -10.08 23.56
C GLY A 291 -11.88 -10.72 23.69
N TYR A 292 -10.88 -9.86 23.68
CA TYR A 292 -9.48 -10.27 23.65
C TYR A 292 -8.65 -9.61 24.74
N THR A 293 -7.64 -10.37 25.17
CA THR A 293 -6.62 -9.91 26.11
C THR A 293 -5.23 -10.21 25.51
N MET A 294 -4.21 -9.49 25.97
CA MET A 294 -2.87 -9.60 25.38
C MET A 294 -1.94 -10.58 26.10
N ASN A 295 -1.64 -11.70 25.45
CA ASN A 295 -0.61 -12.61 25.94
C ASN A 295 0.77 -11.96 25.81
N SER A 296 1.52 -11.97 26.92
CA SER A 296 2.77 -11.20 27.07
C SER A 296 3.99 -11.75 26.31
N SER A 297 4.00 -13.06 26.05
CA SER A 297 5.14 -13.73 25.40
C SER A 297 5.29 -13.41 23.91
N ASN A 298 4.21 -12.97 23.28
CA ASN A 298 4.16 -12.84 21.81
C ASN A 298 3.37 -11.64 21.25
N LEU A 299 2.87 -10.78 22.15
CA LEU A 299 2.06 -9.60 21.80
C LEU A 299 0.74 -9.91 21.09
N LEU A 300 0.48 -11.20 20.84
CA LEU A 300 -0.70 -11.65 20.11
C LEU A 300 -1.94 -11.60 21.00
N CYS A 301 -2.98 -10.92 20.52
CA CYS A 301 -4.25 -10.85 21.24
C CYS A 301 -4.92 -12.21 21.18
N THR A 302 -5.36 -12.72 22.33
CA THR A 302 -6.08 -14.00 22.40
C THR A 302 -7.46 -13.82 23.01
N PRO A 303 -8.45 -14.63 22.58
CA PRO A 303 -9.78 -14.52 23.16
C PRO A 303 -9.76 -14.96 24.61
N CYS A 304 -10.77 -14.54 25.35
CA CYS A 304 -10.76 -14.70 26.78
C CYS A 304 -11.25 -16.07 27.27
N LEU A 305 -10.52 -16.60 28.25
CA LEU A 305 -10.98 -17.70 29.09
C LEU A 305 -12.03 -17.10 30.03
N GLY A 306 -13.31 -17.31 29.70
CA GLY A 306 -14.42 -16.69 30.43
C GLY A 306 -14.55 -15.21 30.12
N PRO A 307 -15.05 -14.41 31.10
CA PRO A 307 -15.12 -12.94 31.00
C PRO A 307 -13.76 -12.27 30.80
N CYS A 308 -13.72 -11.13 30.10
CA CYS A 308 -12.48 -10.35 29.92
C CYS A 308 -12.37 -9.24 30.98
N PRO A 309 -11.34 -9.29 31.86
CA PRO A 309 -11.06 -8.05 32.58
C PRO A 309 -10.32 -7.11 31.62
N LYS A 310 -10.98 -6.03 31.21
CA LYS A 310 -10.38 -5.02 30.32
C LYS A 310 -11.26 -3.77 30.25
N GLN B 1 10.69 -4.90 -19.72
CA GLN B 1 11.90 -5.71 -20.06
C GLN B 1 12.24 -6.71 -18.96
N VAL B 2 11.22 -7.29 -18.30
CA VAL B 2 11.47 -8.19 -17.16
C VAL B 2 12.12 -9.50 -17.61
N GLN B 3 13.35 -9.73 -17.16
CA GLN B 3 14.18 -10.87 -17.61
C GLN B 3 15.01 -11.51 -16.52
N LEU B 4 15.02 -12.83 -16.54
CA LEU B 4 15.92 -13.58 -15.71
C LEU B 4 16.59 -14.62 -16.60
N LYS B 5 17.90 -14.77 -16.37
CA LYS B 5 18.75 -15.76 -17.06
C LYS B 5 19.79 -16.31 -16.06
N GLU B 6 19.90 -17.63 -15.98
CA GLU B 6 20.77 -18.27 -15.01
C GLU B 6 22.11 -18.61 -15.64
N SER B 7 23.20 -18.39 -14.89
CA SER B 7 24.53 -18.78 -15.34
C SER B 7 25.13 -19.86 -14.45
N GLY B 8 24.99 -21.09 -14.92
CA GLY B 8 25.51 -22.24 -14.21
C GLY B 8 26.80 -22.67 -14.88
N PRO B 9 27.66 -23.36 -14.11
CA PRO B 9 28.87 -23.90 -14.71
C PRO B 9 28.57 -25.18 -15.52
N GLY B 10 27.40 -25.77 -15.31
CA GLY B 10 26.98 -26.95 -16.03
C GLY B 10 27.48 -28.28 -15.45
N LEU B 11 28.80 -28.40 -15.35
CA LEU B 11 29.43 -29.66 -14.88
C LEU B 11 30.19 -29.52 -13.57
N VAL B 12 29.81 -30.33 -12.59
CA VAL B 12 30.42 -30.34 -11.25
C VAL B 12 30.70 -31.78 -10.76
N ALA B 13 31.95 -32.03 -10.40
CA ALA B 13 32.36 -33.30 -9.80
C ALA B 13 32.00 -33.37 -8.30
N PRO B 14 31.50 -34.54 -7.83
CA PRO B 14 31.03 -34.72 -6.45
C PRO B 14 31.96 -34.18 -5.36
N SER B 15 31.36 -33.86 -4.20
CA SER B 15 32.07 -33.24 -3.06
C SER B 15 32.42 -31.78 -3.29
N GLN B 16 32.17 -31.28 -4.50
CA GLN B 16 32.42 -29.87 -4.81
C GLN B 16 31.10 -29.07 -4.75
N SER B 17 31.24 -27.74 -4.66
CA SER B 17 30.11 -26.82 -4.44
C SER B 17 29.53 -26.26 -5.75
N LEU B 18 28.31 -25.71 -5.67
CA LEU B 18 27.65 -25.15 -6.84
C LEU B 18 27.43 -23.67 -6.68
N SER B 19 27.90 -22.89 -7.65
CA SER B 19 27.70 -21.44 -7.67
C SER B 19 26.96 -20.99 -8.92
N ILE B 20 25.70 -20.59 -8.75
CA ILE B 20 24.91 -20.07 -9.87
C ILE B 20 24.66 -18.59 -9.68
N THR B 21 24.77 -17.86 -10.79
CA THR B 21 24.40 -16.46 -10.84
C THR B 21 23.12 -16.32 -11.67
N CYS B 22 22.07 -15.83 -11.01
CA CYS B 22 20.89 -15.38 -11.71
C CYS B 22 21.02 -13.90 -12.02
N THR B 23 21.06 -13.59 -13.31
CA THR B 23 21.14 -12.20 -13.74
C THR B 23 19.74 -11.74 -14.16
N VAL B 24 19.21 -10.78 -13.41
CA VAL B 24 17.90 -10.22 -13.71
C VAL B 24 18.02 -8.81 -14.25
N SER B 25 17.07 -8.44 -15.09
CA SER B 25 17.04 -7.10 -15.66
C SER B 25 15.60 -6.65 -15.78
N GLY B 26 15.36 -5.34 -15.81
CA GLY B 26 14.00 -4.77 -16.00
C GLY B 26 13.21 -4.41 -14.75
N PHE B 27 13.82 -4.65 -13.59
CA PHE B 27 13.22 -4.35 -12.31
C PHE B 27 14.33 -4.23 -11.26
N PRO B 28 14.03 -3.59 -10.11
CA PRO B 28 15.02 -3.40 -9.02
C PRO B 28 15.03 -4.50 -7.94
N LEU B 29 16.22 -5.03 -7.64
CA LEU B 29 16.36 -6.16 -6.71
C LEU B 29 16.07 -5.77 -5.27
N THR B 30 16.12 -4.46 -5.02
CA THR B 30 15.83 -3.87 -3.73
C THR B 30 14.33 -3.93 -3.39
N ALA B 31 13.52 -4.25 -4.40
CA ALA B 31 12.07 -4.17 -4.26
C ALA B 31 11.33 -5.44 -4.64
N TYR B 32 12.03 -6.47 -5.07
CA TYR B 32 11.38 -7.73 -5.36
C TYR B 32 12.18 -8.88 -4.76
N GLY B 33 11.50 -10.01 -4.59
CA GLY B 33 12.12 -11.25 -4.12
C GLY B 33 12.49 -12.16 -5.29
N VAL B 34 13.42 -13.08 -5.06
CA VAL B 34 13.86 -14.01 -6.10
C VAL B 34 13.92 -15.42 -5.57
N ASN B 35 13.29 -16.34 -6.30
CA ASN B 35 13.23 -17.75 -5.91
C ASN B 35 14.07 -18.69 -6.75
N TRP B 36 14.45 -19.80 -6.15
CA TRP B 36 15.19 -20.79 -6.85
C TRP B 36 14.43 -22.07 -6.79
N VAL B 37 14.22 -22.65 -7.97
CA VAL B 37 13.47 -23.90 -8.15
C VAL B 37 14.25 -24.82 -9.09
N ARG B 38 14.37 -26.10 -8.76
CA ARG B 38 15.04 -27.08 -9.63
C ARG B 38 14.13 -28.24 -10.07
N GLN B 39 14.43 -28.87 -11.20
CA GLN B 39 13.67 -30.03 -11.68
C GLN B 39 14.58 -31.06 -12.31
N PRO B 40 14.68 -32.27 -11.70
CA PRO B 40 15.33 -33.39 -12.39
C PRO B 40 14.41 -33.85 -13.54
N PRO B 41 14.98 -34.27 -14.69
CA PRO B 41 14.19 -34.48 -15.93
C PRO B 41 12.90 -35.30 -15.74
N GLY B 42 11.74 -34.68 -16.01
CA GLY B 42 10.44 -35.34 -15.85
C GLY B 42 10.05 -35.74 -14.42
N LYS B 43 10.77 -35.17 -13.45
CA LYS B 43 10.42 -35.30 -12.03
C LYS B 43 9.88 -33.96 -11.48
N GLY B 44 9.88 -33.81 -10.16
CA GLY B 44 9.20 -32.68 -9.52
C GLY B 44 9.90 -31.33 -9.63
N LEU B 45 9.11 -30.28 -9.39
CA LEU B 45 9.60 -28.90 -9.25
C LEU B 45 9.77 -28.60 -7.78
N GLU B 46 10.97 -28.18 -7.43
CA GLU B 46 11.39 -28.19 -6.05
C GLU B 46 11.81 -26.80 -5.59
N TRP B 47 11.12 -26.28 -4.57
CA TRP B 47 11.46 -24.97 -4.01
C TRP B 47 12.71 -25.07 -3.16
N LEU B 48 13.70 -24.27 -3.55
CA LEU B 48 14.96 -24.27 -2.88
C LEU B 48 15.08 -23.09 -1.90
N GLY B 49 14.73 -21.88 -2.35
CA GLY B 49 14.77 -20.72 -1.47
C GLY B 49 14.36 -19.41 -2.10
N MET B 50 14.42 -18.35 -1.29
CA MET B 50 14.20 -16.97 -1.76
C MET B 50 14.91 -15.86 -0.95
N ILE B 51 15.23 -14.77 -1.64
CA ILE B 51 15.81 -13.58 -1.02
C ILE B 51 14.95 -12.34 -1.27
N TRP B 52 14.46 -11.74 -0.20
CA TRP B 52 13.55 -10.58 -0.25
C TRP B 52 14.28 -9.27 -0.50
N GLY B 53 13.50 -8.22 -0.68
CA GLY B 53 14.04 -6.90 -0.99
C GLY B 53 15.05 -6.43 0.04
N ASP B 54 14.76 -6.69 1.30
CA ASP B 54 15.52 -6.17 2.43
C ASP B 54 16.73 -7.03 2.86
N GLY B 55 17.09 -8.04 2.06
CA GLY B 55 18.23 -8.90 2.39
C GLY B 55 17.87 -10.14 3.19
N ASN B 56 16.70 -10.09 3.83
CA ASN B 56 16.08 -11.25 4.49
C ASN B 56 16.16 -12.52 3.60
N THR B 57 16.30 -13.69 4.23
CA THR B 57 16.41 -14.95 3.49
C THR B 57 15.50 -16.08 4.00
N ASP B 58 14.99 -16.86 3.06
CA ASP B 58 14.24 -18.10 3.34
C ASP B 58 14.93 -19.30 2.67
N TYR B 59 15.07 -20.41 3.38
CA TYR B 59 15.58 -21.65 2.79
C TYR B 59 14.67 -22.83 3.11
N ASN B 60 14.61 -23.79 2.20
CA ASN B 60 14.04 -25.11 2.49
C ASN B 60 14.86 -25.74 3.62
N SER B 61 14.18 -26.13 4.70
CA SER B 61 14.83 -26.72 5.89
C SER B 61 15.67 -27.96 5.56
N ALA B 62 15.30 -28.69 4.50
CA ALA B 62 16.13 -29.77 3.93
C ALA B 62 17.60 -29.33 3.76
N LEU B 63 17.79 -28.10 3.30
CA LEU B 63 19.12 -27.53 3.17
C LEU B 63 19.70 -27.05 4.49
N LYS B 64 20.41 -27.95 5.16
CA LYS B 64 21.13 -27.64 6.41
C LYS B 64 22.34 -26.72 6.17
N SER B 65 22.08 -25.43 5.92
CA SER B 65 23.13 -24.44 5.62
C SER B 65 24.02 -24.83 4.41
N ARG B 66 23.60 -25.90 3.72
CA ARG B 66 24.15 -26.28 2.41
C ARG B 66 23.92 -25.14 1.43
N LEU B 67 22.82 -24.41 1.66
CA LEU B 67 22.43 -23.30 0.82
C LEU B 67 22.75 -21.93 1.43
N SER B 68 23.40 -21.09 0.63
CA SER B 68 23.56 -19.67 0.92
C SER B 68 23.09 -18.83 -0.27
N ILE B 69 22.06 -18.00 -0.06
CA ILE B 69 21.59 -17.07 -1.09
C ILE B 69 21.89 -15.61 -0.69
N SER B 70 22.68 -14.94 -1.54
CA SER B 70 23.07 -13.56 -1.33
C SER B 70 22.91 -12.76 -2.64
N LYS B 71 23.14 -11.45 -2.59
CA LYS B 71 22.89 -10.59 -3.76
C LYS B 71 23.83 -9.39 -3.92
N ASP B 72 24.03 -8.98 -5.18
CA ASP B 72 24.65 -7.70 -5.53
C ASP B 72 23.62 -6.89 -6.31
N ASN B 73 22.83 -6.10 -5.57
CA ASN B 73 21.72 -5.31 -6.13
C ASN B 73 22.16 -4.18 -7.06
N SER B 74 23.35 -3.63 -6.81
CA SER B 74 23.91 -2.56 -7.66
C SER B 74 24.27 -3.06 -9.07
N LYS B 75 24.62 -4.34 -9.16
CA LYS B 75 24.94 -5.00 -10.44
C LYS B 75 23.90 -6.07 -10.84
N SER B 76 22.71 -5.99 -10.27
CA SER B 76 21.55 -6.85 -10.63
C SER B 76 21.79 -8.37 -10.65
N GLN B 77 22.48 -8.87 -9.64
CA GLN B 77 22.83 -10.29 -9.56
C GLN B 77 22.32 -10.96 -8.27
N VAL B 78 21.87 -12.20 -8.42
CA VAL B 78 21.47 -13.06 -7.29
C VAL B 78 22.31 -14.33 -7.25
N PHE B 79 22.94 -14.58 -6.11
CA PHE B 79 23.85 -15.71 -5.97
C PHE B 79 23.27 -16.84 -5.13
N LEU B 80 23.16 -18.00 -5.76
CA LEU B 80 22.95 -19.25 -5.05
C LEU B 80 24.29 -19.96 -4.90
N LYS B 81 24.56 -20.45 -3.69
CA LYS B 81 25.79 -21.18 -3.39
C LYS B 81 25.47 -22.38 -2.52
N MET B 82 25.73 -23.58 -3.06
CA MET B 82 25.37 -24.84 -2.43
C MET B 82 26.56 -25.78 -2.33
N ASN B 83 26.83 -26.28 -1.13
CA ASN B 83 28.05 -27.06 -0.93
C ASN B 83 27.94 -28.57 -1.12
N SER B 84 29.09 -29.20 -1.39
CA SER B 84 29.30 -30.66 -1.41
C SER B 84 28.16 -31.44 -2.06
N LEU B 85 28.07 -31.34 -3.37
CA LEU B 85 26.95 -31.94 -4.10
C LEU B 85 27.15 -33.44 -4.37
N GLN B 86 26.02 -34.13 -4.58
CA GLN B 86 26.01 -35.55 -4.98
C GLN B 86 25.15 -35.74 -6.26
N THR B 87 25.13 -36.95 -6.81
CA THR B 87 24.44 -37.22 -8.10
C THR B 87 22.90 -36.98 -8.06
N ASP B 88 22.29 -37.09 -6.87
CA ASP B 88 20.84 -36.82 -6.68
C ASP B 88 20.46 -35.33 -6.78
N ASP B 89 21.47 -34.49 -7.00
CA ASP B 89 21.31 -33.05 -7.21
C ASP B 89 21.34 -32.69 -8.72
N THR B 90 21.27 -33.71 -9.58
CA THR B 90 21.30 -33.53 -11.06
C THR B 90 19.95 -33.03 -11.61
N ALA B 91 19.87 -31.73 -11.88
CA ALA B 91 18.59 -31.09 -12.21
C ALA B 91 18.75 -29.79 -13.04
N ARG B 92 17.63 -29.27 -13.55
CA ARG B 92 17.58 -27.94 -14.17
C ARG B 92 17.22 -26.93 -13.08
N TYR B 93 18.02 -25.87 -13.00
CA TYR B 93 17.84 -24.86 -11.98
C TYR B 93 17.30 -23.57 -12.61
N TYR B 94 16.21 -23.07 -12.03
CA TYR B 94 15.64 -21.79 -12.41
C TYR B 94 15.63 -20.81 -11.25
N CYS B 95 15.86 -19.54 -11.56
CA CYS B 95 15.45 -18.47 -10.68
C CYS B 95 14.17 -17.88 -11.26
N ALA B 96 13.27 -17.41 -10.42
CA ALA B 96 12.07 -16.73 -10.90
C ALA B 96 11.73 -15.60 -9.95
N ARG B 97 11.11 -14.57 -10.51
CA ARG B 97 10.74 -13.39 -9.74
C ARG B 97 9.56 -13.61 -8.80
N ASP B 98 9.46 -12.71 -7.83
CA ASP B 98 8.54 -12.82 -6.74
C ASP B 98 8.12 -11.40 -6.38
N PRO B 99 6.90 -10.99 -6.80
CA PRO B 99 6.35 -9.69 -6.38
C PRO B 99 5.66 -9.79 -5.01
N TYR B 100 6.36 -10.39 -4.05
CA TYR B 100 5.76 -10.97 -2.85
C TYR B 100 4.41 -10.43 -2.36
N GLY B 101 4.39 -9.12 -2.12
CA GLY B 101 3.23 -8.48 -1.55
C GLY B 101 2.04 -8.72 -2.41
N SER B 102 2.20 -8.44 -3.71
CA SER B 102 1.10 -8.53 -4.66
C SER B 102 0.97 -9.84 -5.48
N LYS B 103 2.07 -10.39 -5.99
CA LYS B 103 1.97 -11.65 -6.75
C LYS B 103 2.86 -12.77 -6.19
N PRO B 104 2.71 -13.99 -6.72
CA PRO B 104 3.60 -15.10 -6.37
C PRO B 104 4.83 -15.16 -7.28
N MET B 105 4.82 -15.99 -8.32
CA MET B 105 5.99 -16.12 -9.18
C MET B 105 5.67 -15.83 -10.62
N ASP B 106 5.92 -14.59 -11.00
CA ASP B 106 5.78 -14.15 -12.37
C ASP B 106 7.17 -14.01 -13.01
N TYR B 107 7.30 -14.44 -14.26
CA TYR B 107 8.58 -14.33 -14.95
C TYR B 107 9.59 -15.33 -14.44
N TRP B 108 9.87 -16.26 -15.33
CA TRP B 108 10.81 -17.34 -15.12
C TRP B 108 12.00 -17.18 -16.03
N GLY B 109 13.14 -17.68 -15.59
CA GLY B 109 14.28 -17.86 -16.48
C GLY B 109 14.03 -19.03 -17.41
N GLN B 110 14.80 -19.09 -18.49
CA GLN B 110 14.74 -20.20 -19.43
C GLN B 110 15.30 -21.48 -18.78
N GLY B 111 16.11 -21.31 -17.74
CA GLY B 111 16.67 -22.41 -16.96
C GLY B 111 18.08 -22.80 -17.37
N THR B 112 18.90 -23.19 -16.40
CA THR B 112 20.25 -23.70 -16.69
C THR B 112 20.41 -25.14 -16.19
N SER B 113 21.02 -25.97 -17.04
CA SER B 113 21.22 -27.38 -16.71
C SER B 113 22.49 -27.61 -15.90
N VAL B 114 22.36 -28.34 -14.79
CA VAL B 114 23.48 -28.69 -13.92
C VAL B 114 23.51 -30.20 -13.63
N THR B 115 24.69 -30.80 -13.85
CA THR B 115 24.88 -32.25 -13.70
C THR B 115 26.09 -32.54 -12.80
N VAL B 116 25.94 -33.53 -11.90
CA VAL B 116 27.00 -33.94 -10.96
C VAL B 116 27.60 -35.31 -11.32
N ASP C 1 9.28 -25.63 6.32
CA ASP C 1 8.19 -25.59 5.30
C ASP C 1 7.12 -26.67 5.47
N ILE C 2 5.91 -26.36 5.02
CA ILE C 2 4.73 -27.25 5.05
C ILE C 2 4.82 -28.29 3.92
N VAL C 3 3.80 -29.16 3.81
CA VAL C 3 3.82 -30.25 2.80
C VAL C 3 2.57 -30.28 1.89
N MET C 4 2.83 -30.24 0.60
CA MET C 4 1.81 -30.16 -0.41
C MET C 4 1.72 -31.49 -1.14
N SER C 5 0.49 -31.91 -1.46
CA SER C 5 0.24 -33.20 -2.13
C SER C 5 -0.84 -33.11 -3.22
N GLN C 6 -0.53 -33.61 -4.42
CA GLN C 6 -1.46 -33.52 -5.55
C GLN C 6 -2.06 -34.86 -5.95
N SER C 7 -3.12 -34.79 -6.76
CA SER C 7 -3.68 -35.96 -7.43
C SER C 7 -4.39 -35.55 -8.71
N PRO C 8 -4.24 -36.37 -9.78
CA PRO C 8 -3.44 -37.58 -9.83
C PRO C 8 -1.99 -37.23 -10.17
N SER C 9 -1.13 -38.22 -10.43
CA SER C 9 0.19 -37.95 -10.98
C SER C 9 0.08 -37.58 -12.46
N SER C 10 -0.92 -38.17 -13.13
CA SER C 10 -1.32 -37.83 -14.51
C SER C 10 -2.79 -38.16 -14.85
N LEU C 11 -3.32 -37.43 -15.83
CA LEU C 11 -4.67 -37.61 -16.30
C LEU C 11 -4.67 -37.54 -17.83
N VAL C 12 -5.71 -38.09 -18.46
CA VAL C 12 -5.89 -37.96 -19.93
C VAL C 12 -7.32 -37.48 -20.30
N VAL C 13 -7.44 -36.72 -21.40
CA VAL C 13 -8.73 -36.22 -21.92
C VAL C 13 -8.66 -35.78 -23.39
N SER C 14 -9.81 -35.65 -24.05
CA SER C 14 -9.85 -35.15 -25.42
C SER C 14 -10.51 -33.76 -25.48
N VAL C 15 -10.50 -33.20 -26.69
CA VAL C 15 -11.01 -31.86 -27.03
C VAL C 15 -12.48 -31.63 -26.64
N GLY C 16 -12.75 -30.47 -26.06
CA GLY C 16 -14.12 -29.99 -25.80
C GLY C 16 -14.54 -30.03 -24.35
N GLU C 17 -13.83 -30.85 -23.57
CA GLU C 17 -14.27 -31.19 -22.22
C GLU C 17 -13.65 -30.33 -21.10
N LYS C 18 -14.35 -30.31 -19.96
CA LYS C 18 -13.86 -29.64 -18.75
C LYS C 18 -13.06 -30.59 -17.85
N VAL C 19 -12.06 -30.03 -17.15
CA VAL C 19 -11.06 -30.80 -16.41
C VAL C 19 -10.70 -30.19 -15.03
N THR C 20 -10.64 -31.04 -13.99
CA THR C 20 -10.33 -30.63 -12.58
C THR C 20 -9.35 -31.57 -11.82
N MET C 21 -8.18 -31.05 -11.43
CA MET C 21 -7.15 -31.80 -10.66
C MET C 21 -6.99 -31.22 -9.26
N SER C 22 -6.41 -31.98 -8.32
CA SER C 22 -6.41 -31.56 -6.90
C SER C 22 -5.06 -31.43 -6.23
N CYS C 23 -5.09 -30.79 -5.04
CA CYS C 23 -3.92 -30.39 -4.23
C CYS C 23 -4.35 -30.23 -2.77
N LYS C 24 -3.38 -30.38 -1.87
CA LYS C 24 -3.65 -30.21 -0.44
C LYS C 24 -2.42 -29.76 0.33
N SER C 25 -2.67 -28.99 1.38
CA SER C 25 -1.63 -28.49 2.28
C SER C 25 -1.81 -29.00 3.70
N SER C 26 -0.70 -29.12 4.43
CA SER C 26 -0.73 -29.58 5.83
C SER C 26 -1.16 -28.50 6.84
N GLN C 27 -1.44 -27.29 6.36
CA GLN C 27 -1.82 -26.13 7.19
C GLN C 27 -2.75 -25.20 6.38
N SER C 28 -3.68 -24.50 7.03
CA SER C 28 -4.63 -23.60 6.32
C SER C 28 -4.00 -22.36 5.67
N LEU C 29 -4.45 -22.00 4.46
CA LEU C 29 -3.77 -20.98 3.65
C LEU C 29 -4.55 -19.67 3.43
N LEU C 30 -5.70 -19.56 4.09
CA LEU C 30 -6.52 -18.36 4.03
C LEU C 30 -5.96 -17.24 4.90
N TYR C 31 -5.59 -16.13 4.27
CA TYR C 31 -5.09 -14.96 5.01
C TYR C 31 -6.26 -14.18 5.58
N SER C 32 -6.24 -13.98 6.89
CA SER C 32 -7.29 -13.27 7.62
C SER C 32 -7.41 -11.80 7.17
N SER C 33 -6.26 -11.12 7.12
CA SER C 33 -6.24 -9.68 6.91
C SER C 33 -6.83 -9.18 5.57
N ASN C 34 -7.13 -10.08 4.64
CA ASN C 34 -7.70 -9.66 3.34
C ASN C 34 -8.67 -10.68 2.75
N GLN C 35 -8.77 -11.83 3.41
CA GLN C 35 -9.71 -12.90 3.05
C GLN C 35 -9.35 -13.58 1.76
N LYS C 36 -8.06 -13.66 1.47
CA LYS C 36 -7.57 -14.33 0.28
C LYS C 36 -6.75 -15.56 0.65
N ASN C 37 -6.80 -16.58 -0.19
CA ASN C 37 -5.99 -17.75 0.08
C ASN C 37 -4.66 -17.55 -0.64
N PHE C 38 -3.55 -17.82 0.06
CA PHE C 38 -2.19 -17.62 -0.48
C PHE C 38 -1.60 -18.75 -1.35
N LEU C 39 -2.34 -19.15 -2.38
CA LEU C 39 -1.97 -20.31 -3.19
C LEU C 39 -1.95 -19.94 -4.66
N ALA C 40 -1.07 -20.61 -5.39
CA ALA C 40 -0.91 -20.39 -6.83
C ALA C 40 -1.06 -21.65 -7.67
N TRP C 41 -1.44 -21.44 -8.94
CA TRP C 41 -1.38 -22.48 -9.95
C TRP C 41 -0.56 -22.00 -11.13
N TYR C 42 0.39 -22.84 -11.53
CA TYR C 42 1.25 -22.64 -12.71
C TYR C 42 1.10 -23.77 -13.74
N GLN C 43 1.17 -23.37 -15.02
CA GLN C 43 1.11 -24.31 -16.12
C GLN C 43 2.51 -24.38 -16.68
N GLN C 44 2.95 -25.60 -16.94
CA GLN C 44 4.22 -25.82 -17.58
C GLN C 44 3.97 -26.66 -18.82
N LYS C 45 3.88 -26.03 -19.99
CA LYS C 45 3.93 -26.76 -21.26
C LYS C 45 5.31 -27.41 -21.31
N PRO C 46 5.35 -28.71 -21.68
CA PRO C 46 6.54 -29.49 -21.35
C PRO C 46 7.82 -29.04 -22.07
N GLY C 47 8.95 -29.12 -21.36
CA GLY C 47 10.25 -28.80 -21.95
C GLY C 47 10.58 -27.32 -21.87
N GLN C 48 9.53 -26.54 -21.67
CA GLN C 48 9.64 -25.11 -21.47
C GLN C 48 9.44 -24.80 -20.01
N SER C 49 9.96 -23.64 -19.62
CA SER C 49 9.84 -23.17 -18.27
C SER C 49 8.38 -22.84 -18.00
N PRO C 50 7.93 -23.00 -16.76
CA PRO C 50 6.53 -22.78 -16.39
C PRO C 50 6.09 -21.32 -16.47
N LYS C 51 4.78 -21.13 -16.39
CA LYS C 51 4.16 -19.83 -16.65
C LYS C 51 3.11 -19.62 -15.55
N LEU C 52 3.03 -18.38 -15.07
CA LEU C 52 2.06 -18.05 -14.04
C LEU C 52 0.65 -17.94 -14.61
N LEU C 53 -0.31 -18.54 -13.91
CA LEU C 53 -1.72 -18.53 -14.30
C LEU C 53 -2.66 -17.79 -13.36
N ILE C 54 -2.78 -18.36 -12.16
CA ILE C 54 -3.77 -17.91 -11.21
C ILE C 54 -3.16 -17.79 -9.83
N TYR C 55 -3.32 -16.60 -9.25
CA TYR C 55 -2.89 -16.30 -7.89
C TYR C 55 -4.04 -15.91 -6.97
N TRP C 56 -3.75 -15.98 -5.66
CA TRP C 56 -4.75 -15.97 -4.62
C TRP C 56 -5.83 -16.99 -4.89
N ALA C 57 -5.41 -18.09 -5.54
CA ALA C 57 -6.25 -19.20 -6.03
C ALA C 57 -7.47 -18.85 -6.96
N SER C 58 -7.72 -17.56 -7.22
CA SER C 58 -8.88 -17.15 -8.05
C SER C 58 -8.66 -15.95 -8.95
N THR C 59 -7.55 -15.26 -8.72
CA THR C 59 -7.25 -14.10 -9.50
C THR C 59 -6.51 -14.56 -10.74
N ARG C 60 -7.09 -14.27 -11.90
CA ARG C 60 -6.53 -14.62 -13.21
C ARG C 60 -5.43 -13.62 -13.63
N GLU C 61 -4.26 -14.15 -13.99
CA GLU C 61 -3.15 -13.32 -14.42
C GLU C 61 -3.43 -12.78 -15.82
N SER C 62 -3.00 -11.55 -16.07
CA SER C 62 -2.97 -11.00 -17.41
C SER C 62 -2.45 -12.02 -18.44
N GLY C 63 -3.11 -12.09 -19.58
CA GLY C 63 -2.69 -12.96 -20.67
C GLY C 63 -3.18 -14.39 -20.52
N VAL C 64 -4.03 -14.62 -19.52
CA VAL C 64 -4.66 -15.92 -19.36
C VAL C 64 -6.10 -15.86 -19.82
N PRO C 65 -6.48 -16.82 -20.66
CA PRO C 65 -7.84 -16.96 -21.12
C PRO C 65 -8.81 -17.37 -20.01
N ASP C 66 -10.06 -16.96 -20.16
CA ASP C 66 -11.11 -17.18 -19.16
C ASP C 66 -11.52 -18.64 -19.00
N ARG C 67 -10.95 -19.52 -19.83
CA ARG C 67 -11.23 -20.96 -19.73
C ARG C 67 -10.61 -21.55 -18.46
N PHE C 68 -9.58 -20.89 -17.94
CA PHE C 68 -8.87 -21.36 -16.76
C PHE C 68 -9.57 -20.86 -15.51
N THR C 69 -9.94 -21.78 -14.62
CA THR C 69 -10.77 -21.44 -13.45
C THR C 69 -10.31 -22.09 -12.13
N GLY C 70 -9.68 -21.29 -11.26
CA GLY C 70 -9.17 -21.78 -9.97
C GLY C 70 -10.26 -21.83 -8.90
N SER C 71 -10.14 -22.81 -7.99
CA SER C 71 -11.11 -23.00 -6.89
C SER C 71 -10.52 -23.54 -5.57
N GLY C 72 -11.41 -23.70 -4.58
CA GLY C 72 -11.07 -24.27 -3.28
C GLY C 72 -10.69 -23.21 -2.28
N SER C 73 -10.69 -23.58 -0.99
CA SER C 73 -10.29 -22.70 0.13
C SER C 73 -9.86 -23.51 1.35
N GLY C 74 -9.02 -22.88 2.19
CA GLY C 74 -8.47 -23.50 3.38
C GLY C 74 -7.18 -24.28 3.15
N THR C 75 -7.29 -25.62 3.18
CA THR C 75 -6.17 -26.57 2.95
C THR C 75 -6.31 -27.31 1.62
N ASP C 76 -7.51 -27.25 1.03
CA ASP C 76 -7.84 -28.10 -0.11
C ASP C 76 -8.18 -27.30 -1.33
N PHE C 77 -7.45 -27.59 -2.42
CA PHE C 77 -7.55 -26.84 -3.68
C PHE C 77 -7.68 -27.70 -4.92
N THR C 78 -8.22 -27.07 -5.95
CA THR C 78 -8.52 -27.71 -7.22
C THR C 78 -8.37 -26.67 -8.32
N LEU C 79 -7.95 -27.14 -9.48
CA LEU C 79 -7.85 -26.29 -10.67
C LEU C 79 -8.68 -26.83 -11.83
N THR C 80 -9.36 -25.92 -12.51
CA THR C 80 -10.33 -26.28 -13.53
C THR C 80 -10.02 -25.64 -14.89
N ILE C 81 -10.00 -26.49 -15.92
CA ILE C 81 -9.85 -26.02 -17.29
C ILE C 81 -11.12 -26.31 -18.10
N SER C 82 -11.89 -25.24 -18.32
CA SER C 82 -13.20 -25.32 -18.93
C SER C 82 -13.04 -25.24 -20.45
N SER C 83 -13.43 -26.31 -21.13
CA SER C 83 -13.30 -26.41 -22.61
C SER C 83 -11.85 -26.44 -23.12
N VAL C 84 -11.36 -27.67 -23.37
CA VAL C 84 -9.98 -27.90 -23.84
C VAL C 84 -9.79 -27.51 -25.31
N LYS C 85 -8.75 -26.69 -25.58
CA LYS C 85 -8.22 -26.38 -26.93
C LYS C 85 -6.79 -26.97 -27.13
N ALA C 86 -6.47 -27.35 -28.38
CA ALA C 86 -5.29 -28.19 -28.75
C ALA C 86 -4.05 -28.20 -27.83
N GLU C 87 -3.37 -27.06 -27.72
CA GLU C 87 -2.09 -27.00 -27.01
C GLU C 87 -2.21 -26.77 -25.49
N ASP C 88 -3.40 -27.02 -24.95
CA ASP C 88 -3.65 -26.94 -23.51
C ASP C 88 -2.88 -28.03 -22.73
N LEU C 89 -2.13 -28.85 -23.47
CA LEU C 89 -1.32 -29.92 -22.88
C LEU C 89 -0.15 -29.40 -22.06
N ALA C 90 -0.20 -29.68 -20.76
CA ALA C 90 0.85 -29.25 -19.83
C ALA C 90 0.78 -29.98 -18.48
N VAL C 91 1.87 -29.84 -17.71
CA VAL C 91 1.96 -30.33 -16.33
C VAL C 91 1.77 -29.12 -15.40
N TYR C 92 0.85 -29.27 -14.45
CA TYR C 92 0.39 -28.18 -13.62
C TYR C 92 0.79 -28.41 -12.18
N TYR C 93 1.25 -27.35 -11.53
CA TYR C 93 1.74 -27.46 -10.16
C TYR C 93 1.02 -26.49 -9.22
N CYS C 94 0.90 -26.86 -7.93
CA CYS C 94 0.36 -25.94 -6.90
C CYS C 94 1.46 -25.42 -6.00
N GLN C 95 1.47 -24.11 -5.81
CA GLN C 95 2.42 -23.50 -4.93
C GLN C 95 1.73 -22.77 -3.81
N GLN C 96 2.11 -23.08 -2.58
CA GLN C 96 1.75 -22.20 -1.48
C GLN C 96 2.81 -21.11 -1.42
N TYR C 97 2.37 -19.89 -1.16
CA TYR C 97 3.26 -18.76 -0.88
C TYR C 97 2.84 -17.99 0.39
N PHE C 98 2.22 -18.72 1.29
CA PHE C 98 1.76 -18.23 2.58
C PHE C 98 2.96 -17.99 3.47
N ARG C 99 3.72 -19.05 3.73
CA ARG C 99 5.00 -18.97 4.43
C ARG C 99 6.01 -19.81 3.67
N TYR C 100 7.13 -19.16 3.30
CA TYR C 100 8.08 -19.72 2.34
C TYR C 100 7.29 -19.90 1.05
N ARG C 101 7.56 -21.03 0.39
CA ARG C 101 6.87 -21.48 -0.81
C ARG C 101 7.26 -22.93 -0.95
N THR C 102 6.29 -23.79 -1.22
CA THR C 102 6.59 -25.17 -1.64
C THR C 102 5.59 -25.55 -2.66
N PHE C 103 6.05 -26.33 -3.61
CA PHE C 103 5.23 -26.75 -4.73
C PHE C 103 4.67 -28.12 -4.46
N GLY C 104 3.58 -28.45 -5.17
CA GLY C 104 3.02 -29.79 -5.13
C GLY C 104 3.82 -30.77 -5.98
N GLY C 105 3.50 -32.05 -5.85
CA GLY C 105 4.16 -33.12 -6.63
C GLY C 105 3.88 -33.02 -8.11
N GLY C 106 2.86 -32.23 -8.46
CA GLY C 106 2.50 -31.94 -9.84
C GLY C 106 1.58 -32.97 -10.45
N THR C 107 0.86 -32.57 -11.50
CA THR C 107 0.00 -33.48 -12.24
C THR C 107 -0.06 -33.18 -13.75
N LYS C 108 0.12 -34.22 -14.55
CA LYS C 108 0.24 -34.14 -16.02
C LYS C 108 -1.13 -34.19 -16.73
N LEU C 109 -1.30 -33.34 -17.73
CA LEU C 109 -2.41 -33.45 -18.71
C LEU C 109 -1.91 -34.02 -20.07
N GLU C 110 -2.57 -35.09 -20.52
CA GLU C 110 -2.34 -35.71 -21.83
C GLU C 110 -3.63 -35.61 -22.67
N ILE C 111 -3.50 -35.66 -24.00
CA ILE C 111 -4.65 -35.56 -24.93
C ILE C 111 -4.80 -36.80 -25.82
N LYS C 112 -6.06 -37.21 -26.04
CA LYS C 112 -6.43 -38.41 -26.83
C LYS C 112 -6.45 -38.24 -28.39
N ARG C 113 -5.69 -39.10 -29.09
CA ARG C 113 -5.68 -39.29 -30.59
C ARG C 113 -5.43 -40.79 -30.93
N ALA C 114 -5.30 -41.15 -32.22
CA ALA C 114 -5.37 -42.54 -32.84
C ALA C 114 -5.68 -43.79 -31.97
N GLY D 1 -15.02 19.69 28.32
CA GLY D 1 -14.36 20.79 29.08
C GLY D 1 -14.69 22.21 28.62
N ILE D 2 -13.73 22.86 27.95
CA ILE D 2 -13.82 24.31 27.71
C ILE D 2 -15.18 24.80 27.18
N VAL D 3 -15.60 24.20 26.08
CA VAL D 3 -16.88 24.52 25.46
C VAL D 3 -18.01 24.33 26.47
N GLU D 4 -17.77 23.50 27.47
CA GLU D 4 -18.78 23.28 28.50
C GLU D 4 -18.49 24.21 29.67
N GLN D 5 -17.22 24.42 29.94
CA GLN D 5 -16.75 25.24 31.05
C GLN D 5 -17.01 26.73 30.79
N CYS D 6 -16.75 27.17 29.56
CA CYS D 6 -16.86 28.60 29.25
C CYS D 6 -17.96 29.02 28.28
N CYS D 7 -18.69 28.08 27.70
CA CYS D 7 -19.84 28.50 26.87
C CYS D 7 -21.23 28.20 27.45
N THR D 8 -21.63 26.93 27.59
CA THR D 8 -22.92 26.62 28.25
C THR D 8 -22.91 27.32 29.60
N SER D 9 -21.91 26.99 30.43
CA SER D 9 -21.55 27.75 31.63
C SER D 9 -20.81 29.01 31.21
N ILE D 10 -21.10 30.15 31.85
CA ILE D 10 -20.42 31.38 31.51
C ILE D 10 -19.21 31.64 32.46
N CYS D 11 -18.07 31.85 31.82
CA CYS D 11 -16.71 31.63 32.34
C CYS D 11 -16.16 32.80 33.14
N SER D 12 -14.95 32.64 33.69
CA SER D 12 -14.26 33.75 34.34
C SER D 12 -12.75 33.61 34.25
N LEU D 13 -12.12 34.52 33.51
CA LEU D 13 -10.69 34.79 33.60
C LEU D 13 -9.75 33.61 33.90
N TYR D 14 -9.50 33.33 35.19
CA TYR D 14 -8.65 32.21 35.57
C TYR D 14 -8.97 31.04 34.66
N GLN D 15 -10.26 30.73 34.57
CA GLN D 15 -10.76 29.63 33.79
C GLN D 15 -9.99 29.57 32.46
N LEU D 16 -9.84 30.76 31.87
CA LEU D 16 -9.11 30.97 30.61
C LEU D 16 -7.59 30.98 30.78
N GLU D 17 -7.11 31.75 31.75
CA GLU D 17 -5.69 31.90 32.02
C GLU D 17 -5.00 30.53 32.13
N ASN D 18 -5.65 29.60 32.83
CA ASN D 18 -5.20 28.21 32.97
C ASN D 18 -4.95 27.54 31.62
N TYR D 19 -5.84 27.82 30.66
CA TYR D 19 -5.79 27.20 29.34
C TYR D 19 -4.71 27.79 28.39
N CYS D 20 -4.00 28.83 28.83
CA CYS D 20 -3.08 29.55 27.90
C CYS D 20 -1.81 28.79 27.45
N ASN D 21 -1.65 28.78 26.11
CA ASN D 21 -0.61 28.08 25.33
C ASN D 21 0.69 27.68 26.07
N CYS E 7 -21.52 31.76 22.23
CA CYS E 7 -20.21 32.49 22.37
C CYS E 7 -19.12 31.98 21.42
N GLY E 8 -19.44 30.99 20.59
CA GLY E 8 -18.49 30.26 19.73
C GLY E 8 -17.21 30.94 19.27
N SER E 9 -17.32 31.77 18.23
CA SER E 9 -16.18 32.49 17.62
C SER E 9 -15.43 33.41 18.59
N HIS E 10 -16.17 34.00 19.54
CA HIS E 10 -15.63 34.97 20.48
C HIS E 10 -14.72 34.35 21.50
N LEU E 11 -15.07 33.14 21.92
CA LEU E 11 -14.27 32.34 22.83
C LEU E 11 -12.86 32.23 22.27
N VAL E 12 -12.76 32.19 20.95
CA VAL E 12 -11.48 32.14 20.28
C VAL E 12 -10.82 33.53 20.40
N GLU E 13 -11.60 34.56 20.12
CA GLU E 13 -11.10 35.91 20.21
C GLU E 13 -10.60 36.14 21.66
N ALA E 14 -11.49 35.94 22.62
CA ALA E 14 -11.21 36.15 24.05
C ALA E 14 -10.00 35.37 24.57
N LEU E 15 -9.85 34.10 24.17
CA LEU E 15 -8.69 33.31 24.59
C LEU E 15 -7.38 33.94 24.14
N TYR E 16 -7.36 34.56 22.97
CA TYR E 16 -6.11 35.16 22.53
C TYR E 16 -5.66 36.37 23.33
N LEU E 17 -6.51 37.39 23.44
CA LEU E 17 -6.20 38.55 24.30
C LEU E 17 -5.57 38.16 25.63
N VAL E 18 -6.11 37.08 26.20
CA VAL E 18 -5.63 36.49 27.44
C VAL E 18 -4.16 36.06 27.31
N CYS E 19 -3.78 35.48 26.17
CA CYS E 19 -2.45 34.84 26.07
C CYS E 19 -1.25 35.75 25.80
N GLY E 20 -1.22 36.38 24.61
CA GLY E 20 -0.04 37.14 24.15
C GLY E 20 1.18 36.22 24.13
N GLU E 21 0.89 34.94 24.12
CA GLU E 21 1.81 33.87 24.46
C GLU E 21 2.25 33.04 23.24
N PHE F 9 -20.67 21.79 16.13
CA PHE F 9 -19.34 21.32 15.62
C PHE F 9 -18.22 22.23 16.06
N GLU F 10 -18.46 23.53 15.96
CA GLU F 10 -17.44 24.45 16.36
C GLU F 10 -17.13 24.07 17.80
N ASP F 11 -18.18 23.60 18.47
CA ASP F 11 -18.12 23.09 19.83
C ASP F 11 -17.05 21.97 19.93
N TYR F 12 -17.24 20.91 19.16
CA TYR F 12 -16.26 19.84 19.03
C TYR F 12 -14.87 20.48 18.86
N LEU F 13 -14.75 21.31 17.82
CA LEU F 13 -13.48 21.88 17.42
C LEU F 13 -12.69 22.49 18.58
N HIS F 14 -13.38 23.25 19.42
CA HIS F 14 -12.70 23.90 20.51
C HIS F 14 -12.23 22.84 21.51
N ASN F 15 -13.19 22.06 21.99
CA ASN F 15 -12.95 21.04 23.02
C ASN F 15 -11.74 20.14 22.74
N VAL F 16 -11.33 20.11 21.47
CA VAL F 16 -10.24 19.25 21.03
C VAL F 16 -8.94 20.02 20.68
N VAL F 17 -9.09 21.28 20.31
CA VAL F 17 -7.91 22.06 19.98
C VAL F 17 -7.47 22.95 21.13
N PHE F 18 -7.13 22.42 22.32
CA PHE F 18 -6.87 23.33 23.49
C PHE F 18 -6.06 22.75 24.74
N VAL F 19 -4.67 22.95 24.81
CA VAL F 19 -3.59 22.35 25.82
C VAL F 19 -4.05 22.25 27.32
C1 NAG G . -9.60 7.11 -3.49
C2 NAG G . -10.84 7.01 -4.37
C3 NAG G . -11.68 5.81 -3.95
C4 NAG G . -10.86 4.52 -4.02
C5 NAG G . -9.57 4.70 -3.23
C6 NAG G . -8.63 3.53 -3.51
C7 NAG G . -11.73 8.97 -5.44
C8 NAG G . -12.68 10.11 -5.38
N2 NAG G . -11.69 8.18 -4.38
O3 NAG G . -12.82 5.75 -4.79
O4 NAG G . -11.63 3.34 -3.70
O5 NAG G . -8.88 5.89 -3.59
O6 NAG G . -7.64 3.49 -2.52
O7 NAG G . -11.05 8.82 -6.44
C1 NAG G . -12.02 3.15 -2.32
C2 NAG G . -13.39 2.48 -2.22
C3 NAG G . -13.73 2.07 -0.79
C4 NAG G . -12.62 1.27 -0.10
C5 NAG G . -11.38 2.16 -0.26
C6 NAG G . -10.16 1.66 0.54
C7 NAG G . -15.40 3.03 -3.55
C8 NAG G . -16.46 4.07 -3.80
N2 NAG G . -14.47 3.35 -2.64
O3 NAG G . -14.92 1.33 -0.78
O4 NAG G . -13.01 1.11 1.27
O5 NAG G . -11.06 2.36 -1.63
O6 NAG G . -9.43 0.69 -0.16
O7 NAG G . -15.42 1.96 -4.18
C1 BMA G . -13.50 -0.17 1.76
C2 BMA G . -13.99 0.14 3.19
C3 BMA G . -14.95 -0.91 3.78
C4 BMA G . -16.07 -1.24 2.79
C5 BMA G . -15.41 -1.84 1.53
C6 BMA G . -16.42 -2.31 0.46
O2 BMA G . -14.55 1.47 3.28
O3 BMA G . -15.44 -0.51 5.08
O4 BMA G . -17.06 -2.12 3.37
O5 BMA G . -14.49 -0.88 0.94
O6 BMA G . -17.41 -3.23 0.94
C1 MAN G . -14.54 -1.03 6.10
C2 MAN G . -15.20 -1.21 7.48
C3 MAN G . -14.96 -0.07 8.49
C4 MAN G . -13.59 0.58 8.32
C5 MAN G . -13.40 0.92 6.85
C6 MAN G . -12.21 1.82 6.54
O2 MAN G . -14.75 -2.43 8.04
O3 MAN G . -15.10 -0.52 9.82
O4 MAN G . -13.49 1.74 9.12
O5 MAN G . -13.31 -0.32 6.17
O6 MAN G . -11.15 1.13 5.93
C1 NAG H . 12.54 -4.94 10.70
C2 NAG H . 14.02 -5.18 10.51
C3 NAG H . 14.83 -3.95 10.88
C4 NAG H . 14.26 -2.75 10.09
C5 NAG H . 12.75 -2.59 10.38
C6 NAG H . 12.06 -1.42 9.67
C7 NAG H . 14.75 -7.46 10.74
C8 NAG H . 15.13 -8.55 11.70
N2 NAG H . 14.43 -6.32 11.32
O3 NAG H . 16.18 -4.22 10.56
O4 NAG H . 15.00 -1.58 10.31
O5 NAG H . 12.11 -3.79 9.99
O6 NAG H . 11.66 -1.69 8.33
O7 NAG H . 14.75 -7.66 9.52
C1 NAG H . 16.06 -1.61 9.32
C2 NAG H . 16.02 -0.34 8.43
C3 NAG H . 17.47 0.12 8.19
C4 NAG H . 18.24 0.19 9.53
C5 NAG H . 18.46 -1.23 10.07
C6 NAG H . 18.87 -1.27 11.56
C7 NAG H . 13.96 -0.30 6.91
C8 NAG H . 13.37 -0.73 5.58
N2 NAG H . 15.24 -0.63 7.20
O3 NAG H . 17.49 1.37 7.55
O4 NAG H . 19.36 1.10 9.47
O5 NAG H . 17.33 -2.07 9.85
O6 NAG H . 18.22 -0.28 12.31
O7 NAG H . 13.21 0.35 7.65
C1 BMA H . 20.74 0.67 9.29
C2 BMA H . 21.18 0.70 7.81
C3 BMA H . 22.70 0.64 7.64
C4 BMA H . 23.41 1.67 8.51
C5 BMA H . 22.97 1.66 9.99
C6 BMA H . 23.37 2.97 10.68
O2 BMA H . 20.70 1.87 7.12
O3 BMA H . 23.05 0.82 6.25
O4 BMA H . 24.81 1.45 8.41
O5 BMA H . 21.56 1.46 10.19
O6 BMA H . 24.36 2.79 11.70
C1 NAG I . 17.34 17.35 6.66
C2 NAG I . 17.52 17.51 8.18
C3 NAG I . 18.85 18.26 8.32
C4 NAG I . 20.00 17.35 7.86
C5 NAG I . 19.79 16.75 6.45
C6 NAG I . 20.46 15.37 6.24
C7 NAG I . 15.35 17.43 9.52
C8 NAG I . 14.22 18.23 10.14
N2 NAG I . 16.35 18.10 8.86
O3 NAG I . 19.04 18.71 9.65
O4 NAG I . 21.26 17.99 7.85
O5 NAG I . 18.42 16.61 6.06
O6 NAG I . 21.48 15.06 7.17
O7 NAG I . 15.29 16.20 9.64
C1 NAG J . 3.25 13.77 -10.57
C2 NAG J . 3.18 15.29 -10.57
C3 NAG J . 3.92 15.89 -11.79
C4 NAG J . 5.31 15.31 -11.99
C5 NAG J . 5.39 13.81 -11.65
C6 NAG J . 6.85 13.36 -11.52
C7 NAG J . 0.77 15.63 -11.27
C8 NAG J . -0.54 16.16 -10.77
N2 NAG J . 1.79 15.72 -10.40
O3 NAG J . 4.06 17.29 -11.63
O4 NAG J . 5.76 15.55 -13.33
O5 NAG J . 4.64 13.44 -10.49
O6 NAG J . 7.49 14.02 -10.45
O7 NAG J . 0.85 15.15 -12.41
#